data_2Q94
#
_entry.id   2Q94
#
_cell.length_a   38.199
_cell.length_b   60.605
_cell.length_c   50.624
_cell.angle_alpha   90.000
_cell.angle_beta   104.800
_cell.angle_gamma   90.000
#
_symmetry.space_group_name_H-M   'P 1 21 1'
#
loop_
_entity.id
_entity.type
_entity.pdbx_description
1 polymer 'Methionine aminopeptidase'
2 non-polymer 'MANGANESE (II) ION'
3 non-polymer 'SODIUM ION'
4 non-polymer '5-[2-(TRIFLUOROMETHOXY)PHENYL]-2-FUROIC ACID'
5 water water
#
_entity_poly.entity_id   1
_entity_poly.type   'polypeptide(L)'
_entity_poly.pdbx_seq_one_letter_code
;AISIKTPEDIEKMRVAGRLAAEVLEMIEPYVKPGVSTGELDRICNDYIVNEQHAVSACLGYHGYPKSVCISINEVVCHGI
PDDAKLLKDGDIVNIDVTVIKDGFHGDTSKMFIVGKPTIMGERLCRITQESLYLALRMVKPGINLREIGAAIQKFVEAEG
FSVVREYCGHGIGRGFHEEPQVLHYDSRETNVVLKPGMTFTIEPMVNAGKKEIRTMKDGWTVKTKDRSLSAQYEHTIVVT
DNGCEILTLRKDDTIPAIISHD
;
_entity_poly.pdbx_strand_id   A
#
loop_
_chem_comp.id
_chem_comp.type
_chem_comp.name
_chem_comp.formula
A04 non-polymer '5-[2-(TRIFLUOROMETHOXY)PHENYL]-2-FUROIC ACID' 'C12 H7 F3 O4'
MN non-polymer 'MANGANESE (II) ION' 'Mn 2'
NA non-polymer 'SODIUM ION' 'Na 1'
#
# COMPACT_ATOMS: atom_id res chain seq x y z
N ALA A 1 -8.21 2.72 -22.05
CA ALA A 1 -6.74 2.56 -22.28
C ALA A 1 -5.95 2.82 -21.00
N ILE A 2 -4.74 2.26 -20.96
CA ILE A 2 -3.86 2.46 -19.81
C ILE A 2 -2.94 3.59 -20.25
N SER A 3 -2.79 4.61 -19.42
CA SER A 3 -1.92 5.72 -19.78
C SER A 3 -0.44 5.33 -19.71
N ILE A 4 0.30 5.67 -20.76
CA ILE A 4 1.73 5.38 -20.82
C ILE A 4 2.46 6.67 -20.47
N LYS A 5 3.02 6.75 -19.27
CA LYS A 5 3.73 7.94 -18.84
C LYS A 5 4.95 8.29 -19.67
N THR A 6 5.14 9.58 -19.91
CA THR A 6 6.28 10.09 -20.67
C THR A 6 7.46 10.17 -19.72
N PRO A 7 8.69 10.23 -20.26
CA PRO A 7 9.89 10.32 -19.42
C PRO A 7 9.76 11.44 -18.38
N GLU A 8 9.18 12.56 -18.80
CA GLU A 8 8.98 13.71 -17.91
C GLU A 8 7.99 13.36 -16.81
N ASP A 9 6.89 12.70 -17.19
CA ASP A 9 5.87 12.32 -16.23
C ASP A 9 6.45 11.34 -15.23
N ILE A 10 7.21 10.36 -15.73
CA ILE A 10 7.83 9.36 -14.88
C ILE A 10 8.75 10.00 -13.84
N GLU A 11 9.48 11.04 -14.25
CA GLU A 11 10.38 11.72 -13.33
C GLU A 11 9.56 12.41 -12.24
N LYS A 12 8.40 12.93 -12.60
CA LYS A 12 7.56 13.58 -11.61
C LYS A 12 7.01 12.53 -10.67
N MET A 13 6.80 11.32 -11.18
CA MET A 13 6.30 10.22 -10.37
C MET A 13 7.40 9.77 -9.39
N ARG A 14 8.66 9.85 -9.82
CA ARG A 14 9.77 9.47 -8.96
C ARG A 14 9.82 10.40 -7.76
N VAL A 15 9.61 11.69 -8.01
CA VAL A 15 9.61 12.68 -6.95
C VAL A 15 8.46 12.43 -5.98
N ALA A 16 7.25 12.25 -6.52
CA ALA A 16 6.09 12.01 -5.68
C ALA A 16 6.23 10.71 -4.91
N GLY A 17 6.75 9.68 -5.58
CA GLY A 17 6.93 8.38 -4.94
C GLY A 17 7.93 8.47 -3.79
N ARG A 18 9.02 9.18 -4.01
CA ARG A 18 10.05 9.33 -2.99
C ARG A 18 9.48 10.06 -1.78
N LEU A 19 8.69 11.11 -2.01
CA LEU A 19 8.09 11.85 -0.92
C LEU A 19 7.16 10.96 -0.10
N ALA A 20 6.34 10.16 -0.78
CA ALA A 20 5.43 9.27 -0.06
C ALA A 20 6.23 8.32 0.83
N ALA A 21 7.27 7.72 0.27
CA ALA A 21 8.12 6.79 1.00
C ALA A 21 8.75 7.48 2.21
N GLU A 22 9.20 8.71 2.01
CA GLU A 22 9.85 9.45 3.08
C GLU A 22 8.92 9.79 4.24
N VAL A 23 7.62 9.83 4.01
CA VAL A 23 6.68 10.09 5.09
C VAL A 23 6.72 8.88 6.02
N LEU A 24 6.75 7.69 5.41
CA LEU A 24 6.80 6.46 6.19
C LEU A 24 8.12 6.34 6.95
N GLU A 25 9.23 6.71 6.32
CA GLU A 25 10.52 6.64 6.99
C GLU A 25 10.54 7.62 8.17
N MET A 26 9.93 8.78 7.97
CA MET A 26 9.86 9.82 8.99
C MET A 26 9.02 9.46 10.21
N ILE A 27 7.88 8.84 9.99
CA ILE A 27 6.98 8.50 11.09
C ILE A 27 7.40 7.30 11.94
N GLU A 28 8.26 6.45 11.39
CA GLU A 28 8.76 5.25 12.05
C GLU A 28 9.05 5.37 13.56
N PRO A 29 9.87 6.35 13.97
CA PRO A 29 10.21 6.53 15.38
C PRO A 29 9.02 6.88 16.28
N TYR A 30 7.99 7.49 15.69
CA TYR A 30 6.82 7.87 16.47
C TYR A 30 5.86 6.72 16.73
N VAL A 31 5.98 5.64 15.96
CA VAL A 31 5.09 4.50 16.12
C VAL A 31 5.50 3.61 17.29
N LYS A 32 5.04 3.98 18.48
CA LYS A 32 5.36 3.24 19.69
C LYS A 32 4.17 3.18 20.64
N PRO A 33 4.23 2.33 21.67
CA PRO A 33 3.13 2.20 22.62
C PRO A 33 2.78 3.53 23.28
N GLY A 34 1.48 3.82 23.35
CA GLY A 34 1.03 5.04 23.97
C GLY A 34 0.61 6.16 23.04
N VAL A 35 1.20 6.21 21.84
CA VAL A 35 0.87 7.25 20.88
C VAL A 35 -0.50 6.99 20.25
N SER A 36 -1.24 8.07 19.96
CA SER A 36 -2.55 7.95 19.36
C SER A 36 -2.41 8.00 17.84
N THR A 37 -3.33 7.38 17.12
CA THR A 37 -3.28 7.38 15.67
C THR A 37 -3.57 8.80 15.18
N GLY A 38 -4.31 9.56 15.98
CA GLY A 38 -4.64 10.93 15.63
C GLY A 38 -3.40 11.79 15.55
N GLU A 39 -2.51 11.65 16.53
CA GLU A 39 -1.29 12.46 16.52
C GLU A 39 -0.39 12.04 15.36
N LEU A 40 -0.31 10.73 15.10
CA LEU A 40 0.50 10.23 14.00
C LEU A 40 0.05 10.90 12.69
N ASP A 41 -1.26 11.06 12.53
CA ASP A 41 -1.80 11.69 11.33
C ASP A 41 -1.37 13.16 11.22
N ARG A 42 -1.44 13.88 12.32
CA ARG A 42 -1.06 15.30 12.31
C ARG A 42 0.42 15.46 12.02
N ILE A 43 1.24 14.57 12.54
CA ILE A 43 2.68 14.62 12.30
C ILE A 43 2.95 14.38 10.81
N CYS A 44 2.23 13.44 10.23
CA CYS A 44 2.40 13.14 8.81
C CYS A 44 1.96 14.31 7.94
N ASN A 45 0.81 14.89 8.27
CA ASN A 45 0.32 16.02 7.48
C ASN A 45 1.22 17.24 7.56
N ASP A 46 1.68 17.58 8.77
CA ASP A 46 2.57 18.73 8.92
C ASP A 46 3.84 18.53 8.09
N TYR A 47 4.33 17.30 8.09
CA TYR A 47 5.54 16.98 7.35
C TYR A 47 5.32 17.13 5.84
N ILE A 48 4.20 16.61 5.36
CA ILE A 48 3.88 16.69 3.94
C ILE A 48 3.71 18.12 3.46
N VAL A 49 2.96 18.91 4.23
CA VAL A 49 2.69 20.30 3.89
C VAL A 49 3.87 21.25 4.08
N ASN A 50 4.42 21.25 5.29
CA ASN A 50 5.52 22.16 5.65
C ASN A 50 6.93 21.78 5.20
N GLU A 51 7.24 20.50 5.15
CA GLU A 51 8.58 20.09 4.77
C GLU A 51 8.70 19.64 3.32
N GLN A 52 7.75 18.84 2.86
CA GLN A 52 7.79 18.35 1.50
C GLN A 52 7.15 19.32 0.51
N HIS A 53 6.39 20.27 1.04
CA HIS A 53 5.70 21.25 0.22
C HIS A 53 4.85 20.53 -0.81
N ALA A 54 4.10 19.55 -0.31
CA ALA A 54 3.20 18.75 -1.12
C ALA A 54 1.86 18.73 -0.39
N VAL A 55 0.95 17.86 -0.82
CA VAL A 55 -0.35 17.76 -0.17
C VAL A 55 -0.80 16.31 -0.09
N SER A 56 -1.53 15.97 0.96
CA SER A 56 -2.03 14.60 1.09
C SER A 56 -3.20 14.45 0.14
N ALA A 57 -3.16 13.40 -0.69
CA ALA A 57 -4.23 13.16 -1.64
C ALA A 57 -5.43 12.51 -0.93
N CYS A 58 -5.19 12.01 0.27
CA CYS A 58 -6.24 11.35 1.05
C CYS A 58 -7.24 12.31 1.67
N LEU A 59 -6.71 13.37 2.27
CA LEU A 59 -7.53 14.37 2.95
C LEU A 59 -8.61 14.93 2.05
N GLY A 60 -9.86 14.55 2.33
CA GLY A 60 -10.99 15.02 1.56
C GLY A 60 -11.38 14.17 0.37
N TYR A 61 -10.56 13.16 0.08
CA TYR A 61 -10.81 12.28 -1.06
C TYR A 61 -12.08 11.46 -0.84
N HIS A 62 -13.09 11.69 -1.68
CA HIS A 62 -14.36 10.99 -1.54
C HIS A 62 -14.95 11.30 -0.17
N GLY A 63 -14.48 12.39 0.43
CA GLY A 63 -14.97 12.79 1.74
C GLY A 63 -14.18 12.28 2.93
N TYR A 64 -13.06 11.59 2.68
CA TYR A 64 -12.24 11.07 3.77
C TYR A 64 -11.76 12.24 4.63
N PRO A 65 -11.95 12.16 5.95
CA PRO A 65 -11.57 13.18 6.93
C PRO A 65 -10.11 13.41 7.33
N LYS A 66 -9.24 12.45 7.08
CA LYS A 66 -7.85 12.62 7.50
C LYS A 66 -6.81 12.61 6.38
N SER A 67 -5.55 12.81 6.75
CA SER A 67 -4.46 12.88 5.78
C SER A 67 -3.85 11.54 5.38
N VAL A 68 -3.88 10.59 6.29
CA VAL A 68 -3.36 9.25 6.03
C VAL A 68 -4.34 8.25 6.63
N CYS A 69 -4.24 6.99 6.22
CA CYS A 69 -5.09 5.94 6.77
C CYS A 69 -4.23 5.14 7.73
N ILE A 70 -4.75 4.86 8.91
CA ILE A 70 -4.01 4.07 9.90
C ILE A 70 -4.95 2.97 10.37
N SER A 71 -4.55 1.74 10.09
CA SER A 71 -5.34 0.56 10.43
C SER A 71 -4.59 -0.36 11.38
N ILE A 72 -5.23 -0.71 12.49
CA ILE A 72 -4.63 -1.57 13.50
C ILE A 72 -5.24 -2.96 13.60
N ASN A 73 -4.38 -3.97 13.69
CA ASN A 73 -4.80 -5.36 13.86
C ASN A 73 -5.91 -5.90 12.97
N GLU A 74 -7.11 -6.05 13.51
CA GLU A 74 -8.22 -6.59 12.73
C GLU A 74 -8.78 -5.62 11.71
N VAL A 75 -8.38 -4.36 11.77
CA VAL A 75 -8.85 -3.37 10.81
C VAL A 75 -8.11 -3.66 9.51
N VAL A 76 -8.86 -3.85 8.42
CA VAL A 76 -8.26 -4.18 7.13
C VAL A 76 -7.72 -2.97 6.37
N CYS A 77 -8.50 -1.90 6.34
CA CYS A 77 -8.08 -0.71 5.62
C CYS A 77 -8.95 0.47 5.99
N HIS A 78 -8.54 1.65 5.51
CA HIS A 78 -9.25 2.89 5.73
C HIS A 78 -9.47 3.29 7.18
N GLY A 79 -8.59 2.81 8.07
CA GLY A 79 -8.71 3.19 9.46
C GLY A 79 -8.59 4.70 9.60
N ILE A 80 -9.47 5.31 10.38
CA ILE A 80 -9.45 6.75 10.56
C ILE A 80 -8.69 7.20 11.80
N PRO A 81 -7.61 7.97 11.61
CA PRO A 81 -6.81 8.44 12.75
C PRO A 81 -7.75 9.07 13.78
N ASP A 82 -7.56 8.72 15.04
CA ASP A 82 -8.40 9.24 16.12
C ASP A 82 -7.53 9.56 17.32
N ASP A 83 -7.77 10.71 17.96
CA ASP A 83 -6.99 11.11 19.11
C ASP A 83 -7.17 10.17 20.30
N ALA A 84 -8.25 9.40 20.29
CA ALA A 84 -8.55 8.47 21.37
C ALA A 84 -8.07 7.03 21.18
N LYS A 85 -7.60 6.70 19.97
CA LYS A 85 -7.12 5.35 19.71
C LYS A 85 -5.61 5.27 19.92
N LEU A 86 -5.19 4.54 20.95
CA LEU A 86 -3.77 4.42 21.26
C LEU A 86 -3.15 3.08 20.88
N LEU A 87 -1.93 3.13 20.36
CA LEU A 87 -1.23 1.92 19.98
C LEU A 87 -0.77 1.23 21.26
N LYS A 88 -0.69 -0.09 21.22
CA LYS A 88 -0.25 -0.85 22.39
C LYS A 88 0.68 -1.98 21.99
N ASP A 89 1.44 -2.45 22.98
CA ASP A 89 2.40 -3.53 22.79
C ASP A 89 1.77 -4.70 22.04
N GLY A 90 2.44 -5.16 20.98
CA GLY A 90 1.93 -6.27 20.20
C GLY A 90 1.11 -5.91 18.96
N ASP A 91 0.60 -4.69 18.91
CA ASP A 91 -0.20 -4.25 17.75
C ASP A 91 0.59 -4.26 16.44
N ILE A 92 -0.12 -4.51 15.34
CA ILE A 92 0.48 -4.43 14.02
C ILE A 92 -0.33 -3.28 13.43
N VAL A 93 0.35 -2.32 12.81
CA VAL A 93 -0.33 -1.15 12.30
C VAL A 93 0.12 -0.76 10.90
N ASN A 94 -0.83 -0.49 10.03
CA ASN A 94 -0.51 -0.06 8.69
C ASN A 94 -0.74 1.44 8.59
N ILE A 95 0.22 2.14 7.99
CA ILE A 95 0.05 3.56 7.76
C ILE A 95 0.15 3.66 6.23
N ASP A 96 -0.90 4.19 5.63
CA ASP A 96 -0.97 4.32 4.19
C ASP A 96 -0.91 5.78 3.80
N VAL A 97 0.07 6.12 2.98
CA VAL A 97 0.32 7.49 2.55
C VAL A 97 0.14 7.68 1.04
N THR A 98 -0.41 8.83 0.68
CA THR A 98 -0.54 9.20 -0.73
C THR A 98 -0.34 10.69 -0.79
N VAL A 99 0.72 11.09 -1.50
CA VAL A 99 1.06 12.50 -1.64
C VAL A 99 0.94 12.94 -3.09
N ILE A 100 0.57 14.20 -3.29
CA ILE A 100 0.49 14.75 -4.63
C ILE A 100 1.54 15.84 -4.66
N LYS A 101 2.42 15.78 -5.66
CA LYS A 101 3.48 16.77 -5.80
C LYS A 101 3.62 17.06 -7.29
N ASP A 102 3.53 18.33 -7.65
CA ASP A 102 3.64 18.76 -9.03
C ASP A 102 2.64 18.02 -9.93
N GLY A 103 1.47 17.74 -9.37
CA GLY A 103 0.41 17.08 -10.12
C GLY A 103 0.39 15.56 -10.12
N PHE A 104 1.45 14.91 -9.66
CA PHE A 104 1.48 13.46 -9.65
C PHE A 104 1.40 12.82 -8.27
N HIS A 105 0.85 11.61 -8.23
CA HIS A 105 0.66 10.87 -6.98
C HIS A 105 1.70 9.80 -6.66
N GLY A 106 2.03 9.70 -5.37
CA GLY A 106 2.96 8.70 -4.87
C GLY A 106 2.11 7.99 -3.82
N ASP A 107 1.97 6.68 -3.95
CA ASP A 107 1.11 5.89 -3.06
C ASP A 107 1.83 4.69 -2.45
N THR A 108 1.93 4.64 -1.13
CA THR A 108 2.63 3.54 -0.48
C THR A 108 2.21 3.35 0.98
N SER A 109 2.38 2.13 1.50
CA SER A 109 2.04 1.83 2.89
C SER A 109 2.92 0.71 3.38
N LYS A 110 3.07 0.62 4.70
CA LYS A 110 3.88 -0.44 5.29
C LYS A 110 3.28 -0.81 6.65
N MET A 111 3.65 -1.99 7.14
CA MET A 111 3.20 -2.45 8.46
C MET A 111 4.28 -2.10 9.47
N PHE A 112 3.86 -1.73 10.67
CA PHE A 112 4.77 -1.42 11.76
C PHE A 112 4.31 -2.32 12.90
N ILE A 113 5.26 -2.94 13.60
CA ILE A 113 4.86 -3.76 14.73
C ILE A 113 5.21 -2.94 15.97
N VAL A 114 4.23 -2.79 16.85
CA VAL A 114 4.39 -1.99 18.06
C VAL A 114 4.84 -2.79 19.28
N GLY A 115 5.85 -2.28 19.97
CA GLY A 115 6.36 -2.94 21.16
C GLY A 115 6.89 -4.33 20.88
N LYS A 116 6.68 -5.24 21.82
CA LYS A 116 7.13 -6.61 21.67
C LYS A 116 6.28 -7.28 20.61
N PRO A 117 6.91 -7.72 19.51
CA PRO A 117 6.14 -8.38 18.45
C PRO A 117 5.67 -9.77 18.84
N THR A 118 4.53 -10.17 18.29
CA THR A 118 3.98 -11.49 18.51
C THR A 118 4.42 -12.25 17.28
N ILE A 119 4.78 -13.52 17.44
CA ILE A 119 5.23 -14.32 16.31
C ILE A 119 4.24 -14.35 15.15
N MET A 120 2.95 -14.44 15.44
CA MET A 120 1.97 -14.48 14.36
C MET A 120 1.87 -13.13 13.65
N GLY A 121 1.86 -12.05 14.41
CA GLY A 121 1.79 -10.73 13.79
C GLY A 121 3.00 -10.55 12.90
N GLU A 122 4.17 -10.96 13.41
CA GLU A 122 5.41 -10.85 12.67
C GLU A 122 5.35 -11.71 11.41
N ARG A 123 4.73 -12.87 11.52
CA ARG A 123 4.61 -13.77 10.37
C ARG A 123 3.66 -13.21 9.31
N LEU A 124 2.50 -12.75 9.74
CA LEU A 124 1.52 -12.18 8.80
C LEU A 124 2.11 -10.99 8.04
N CYS A 125 2.82 -10.11 8.74
CA CYS A 125 3.41 -8.95 8.08
C CYS A 125 4.51 -9.36 7.11
N ARG A 126 5.32 -10.32 7.51
CA ARG A 126 6.41 -10.77 6.65
C ARG A 126 5.86 -11.41 5.38
N ILE A 127 4.89 -12.32 5.53
CA ILE A 127 4.28 -13.02 4.40
C ILE A 127 3.59 -12.02 3.46
N THR A 128 2.90 -11.04 4.04
CA THR A 128 2.21 -10.05 3.22
C THR A 128 3.23 -9.26 2.40
N GLN A 129 4.33 -8.85 3.03
CA GLN A 129 5.34 -8.10 2.29
C GLN A 129 5.95 -8.97 1.20
N GLU A 130 6.16 -10.24 1.52
CA GLU A 130 6.75 -11.16 0.55
C GLU A 130 5.82 -11.38 -0.63
N SER A 131 4.51 -11.32 -0.37
CA SER A 131 3.54 -11.49 -1.45
C SER A 131 3.64 -10.30 -2.39
N LEU A 132 3.94 -9.13 -1.84
CA LEU A 132 4.10 -7.93 -2.65
C LEU A 132 5.40 -8.04 -3.46
N TYR A 133 6.45 -8.48 -2.78
CA TYR A 133 7.76 -8.62 -3.42
C TYR A 133 7.76 -9.62 -4.57
N LEU A 134 7.11 -10.78 -4.37
CA LEU A 134 7.07 -11.80 -5.41
C LEU A 134 6.32 -11.26 -6.61
N ALA A 135 5.32 -10.42 -6.37
CA ALA A 135 4.56 -9.82 -7.45
C ALA A 135 5.44 -8.85 -8.20
N LEU A 136 6.17 -8.01 -7.47
CA LEU A 136 7.05 -7.03 -8.08
C LEU A 136 8.12 -7.69 -8.95
N ARG A 137 8.62 -8.85 -8.52
CA ARG A 137 9.65 -9.55 -9.26
C ARG A 137 9.10 -10.14 -10.57
N MET A 138 7.79 -10.17 -10.72
CA MET A 138 7.16 -10.71 -11.92
C MET A 138 6.86 -9.63 -12.96
N VAL A 139 6.82 -8.37 -12.52
CA VAL A 139 6.49 -7.27 -13.41
C VAL A 139 7.47 -7.00 -14.54
N LYS A 140 6.94 -7.08 -15.76
CA LYS A 140 7.72 -6.85 -16.98
C LYS A 140 6.73 -6.79 -18.15
N PRO A 141 7.13 -6.14 -19.25
CA PRO A 141 6.22 -6.06 -20.40
C PRO A 141 5.84 -7.46 -20.91
N GLY A 142 4.58 -7.61 -21.36
CA GLY A 142 4.15 -8.89 -21.88
C GLY A 142 3.43 -9.82 -20.92
N ILE A 143 3.62 -9.62 -19.63
CA ILE A 143 2.96 -10.46 -18.64
C ILE A 143 1.56 -9.91 -18.34
N ASN A 144 0.62 -10.80 -18.03
CA ASN A 144 -0.74 -10.38 -17.73
C ASN A 144 -0.92 -10.18 -16.23
N LEU A 145 -1.66 -9.13 -15.85
CA LEU A 145 -1.89 -8.88 -14.44
C LEU A 145 -2.59 -10.06 -13.78
N ARG A 146 -3.34 -10.83 -14.57
CA ARG A 146 -4.03 -11.98 -14.02
C ARG A 146 -3.01 -12.96 -13.44
N GLU A 147 -1.87 -13.11 -14.11
CA GLU A 147 -0.83 -14.01 -13.64
C GLU A 147 -0.29 -13.57 -12.29
N ILE A 148 -0.03 -12.27 -12.18
CA ILE A 148 0.50 -11.71 -10.95
C ILE A 148 -0.51 -11.86 -9.80
N GLY A 149 -1.78 -11.60 -10.10
CA GLY A 149 -2.80 -11.76 -9.08
C GLY A 149 -2.88 -13.21 -8.64
N ALA A 150 -2.75 -14.12 -9.60
CA ALA A 150 -2.82 -15.55 -9.31
C ALA A 150 -1.66 -15.97 -8.41
N ALA A 151 -0.47 -15.45 -8.69
CA ALA A 151 0.73 -15.79 -7.91
C ALA A 151 0.63 -15.29 -6.48
N ILE A 152 0.11 -14.08 -6.29
CA ILE A 152 -0.03 -13.53 -4.94
C ILE A 152 -0.95 -14.42 -4.11
N GLN A 153 -2.12 -14.70 -4.66
CA GLN A 153 -3.11 -15.53 -3.99
C GLN A 153 -2.58 -16.92 -3.65
N LYS A 154 -1.92 -17.56 -4.60
CA LYS A 154 -1.37 -18.89 -4.37
C LYS A 154 -0.40 -18.90 -3.20
N PHE A 155 0.49 -17.91 -3.17
CA PHE A 155 1.49 -17.81 -2.10
C PHE A 155 0.82 -17.56 -0.74
N VAL A 156 -0.06 -16.57 -0.70
CA VAL A 156 -0.76 -16.22 0.53
C VAL A 156 -1.60 -17.36 1.10
N GLU A 157 -2.33 -18.05 0.25
CA GLU A 157 -3.18 -19.15 0.70
C GLU A 157 -2.37 -20.36 1.13
N ALA A 158 -1.17 -20.50 0.57
CA ALA A 158 -0.29 -21.61 0.92
C ALA A 158 0.22 -21.42 2.34
N GLU A 159 0.04 -20.22 2.87
CA GLU A 159 0.48 -19.92 4.24
C GLU A 159 -0.68 -19.99 5.21
N GLY A 160 -1.85 -20.37 4.70
CA GLY A 160 -3.03 -20.47 5.55
C GLY A 160 -3.77 -19.15 5.70
N PHE A 161 -3.35 -18.14 4.94
CA PHE A 161 -3.99 -16.82 4.99
C PHE A 161 -4.95 -16.64 3.81
N SER A 162 -5.63 -15.50 3.78
CA SER A 162 -6.59 -15.20 2.72
C SER A 162 -6.37 -13.80 2.13
N VAL A 163 -6.81 -13.62 0.89
CA VAL A 163 -6.66 -12.34 0.21
C VAL A 163 -8.00 -11.61 0.14
N VAL A 164 -8.00 -10.33 0.54
CA VAL A 164 -9.22 -9.53 0.50
C VAL A 164 -9.56 -9.21 -0.94
N ARG A 165 -10.80 -9.52 -1.32
CA ARG A 165 -11.29 -9.33 -2.68
C ARG A 165 -11.85 -7.96 -3.03
N GLU A 166 -12.44 -7.28 -2.05
CA GLU A 166 -13.06 -5.98 -2.28
C GLU A 166 -12.14 -4.82 -2.67
N TYR A 167 -10.84 -4.98 -2.45
CA TYR A 167 -9.91 -3.92 -2.78
C TYR A 167 -8.79 -4.38 -3.68
N CYS A 168 -8.26 -3.47 -4.48
CA CYS A 168 -7.20 -3.79 -5.42
C CYS A 168 -6.22 -2.65 -5.67
N GLY A 169 -5.14 -2.99 -6.37
CA GLY A 169 -4.13 -2.02 -6.75
C GLY A 169 -4.73 -1.22 -7.89
N HIS A 170 -4.01 -0.24 -8.41
CA HIS A 170 -4.59 0.60 -9.45
C HIS A 170 -3.56 1.40 -10.23
N GLY A 171 -3.95 1.83 -11.42
CA GLY A 171 -3.08 2.69 -12.21
C GLY A 171 -2.99 3.95 -11.39
N ILE A 172 -1.95 4.75 -11.62
CA ILE A 172 -1.78 5.98 -10.85
C ILE A 172 -0.95 6.99 -11.64
N GLY A 173 -1.22 8.28 -11.42
CA GLY A 173 -0.49 9.32 -12.11
C GLY A 173 -1.03 10.67 -11.66
N ARG A 174 -1.64 11.41 -12.58
CA ARG A 174 -2.23 12.69 -12.25
C ARG A 174 -3.50 12.41 -11.48
N GLY A 175 -3.98 11.17 -11.59
CA GLY A 175 -5.17 10.75 -10.88
C GLY A 175 -4.74 9.78 -9.79
N PHE A 176 -5.41 9.85 -8.64
CA PHE A 176 -5.11 8.96 -7.52
C PHE A 176 -5.35 7.53 -7.99
N HIS A 177 -6.56 7.26 -8.45
CA HIS A 177 -6.90 5.92 -8.93
C HIS A 177 -7.24 5.96 -10.42
N GLU A 178 -6.37 5.34 -11.22
CA GLU A 178 -6.58 5.28 -12.68
C GLU A 178 -6.61 3.82 -13.09
N GLU A 179 -6.96 3.56 -14.35
CA GLU A 179 -6.97 2.19 -14.83
C GLU A 179 -5.51 1.81 -14.99
N PRO A 180 -5.19 0.50 -14.94
CA PRO A 180 -6.12 -0.63 -14.74
C PRO A 180 -6.30 -1.00 -13.28
N GLN A 181 -7.19 -1.96 -13.04
CA GLN A 181 -7.41 -2.46 -11.70
C GLN A 181 -6.37 -3.57 -11.56
N VAL A 182 -5.75 -3.65 -10.39
CA VAL A 182 -4.73 -4.67 -10.14
C VAL A 182 -5.19 -5.59 -9.03
N LEU A 183 -5.90 -6.66 -9.41
CA LEU A 183 -6.41 -7.62 -8.43
C LEU A 183 -5.27 -8.45 -7.84
N HIS A 184 -5.40 -8.80 -6.57
CA HIS A 184 -4.37 -9.60 -5.90
C HIS A 184 -4.80 -11.05 -5.78
N TYR A 185 -5.65 -11.47 -6.70
CA TYR A 185 -6.14 -12.85 -6.73
C TYR A 185 -6.50 -13.16 -8.18
N ASP A 186 -6.74 -14.43 -8.47
CA ASP A 186 -7.07 -14.84 -9.82
C ASP A 186 -8.55 -14.62 -10.14
N SER A 187 -8.82 -13.90 -11.22
CA SER A 187 -10.18 -13.61 -11.65
C SER A 187 -10.27 -13.79 -13.16
N ARG A 188 -11.36 -14.41 -13.61
CA ARG A 188 -11.57 -14.64 -15.05
C ARG A 188 -11.81 -13.32 -15.77
N GLU A 189 -11.99 -12.25 -15.02
CA GLU A 189 -12.25 -10.94 -15.62
C GLU A 189 -10.97 -10.19 -15.99
N THR A 190 -9.87 -10.50 -15.31
CA THR A 190 -8.61 -9.82 -15.56
C THR A 190 -7.89 -10.21 -16.85
N ASN A 191 -7.65 -9.22 -17.70
CA ASN A 191 -6.94 -9.42 -18.95
C ASN A 191 -6.24 -8.12 -19.30
N VAL A 192 -5.08 -7.92 -18.71
CA VAL A 192 -4.30 -6.70 -18.95
C VAL A 192 -2.85 -7.08 -19.15
N VAL A 193 -2.32 -6.85 -20.34
CA VAL A 193 -0.94 -7.16 -20.65
C VAL A 193 -0.10 -5.92 -20.37
N LEU A 194 0.92 -6.06 -19.54
CA LEU A 194 1.77 -4.95 -19.17
C LEU A 194 2.54 -4.37 -20.35
N LYS A 195 2.73 -3.05 -20.30
CA LYS A 195 3.43 -2.32 -21.35
C LYS A 195 4.39 -1.35 -20.67
N PRO A 196 5.54 -1.08 -21.31
CA PRO A 196 6.51 -0.14 -20.72
C PRO A 196 5.87 1.23 -20.51
N GLY A 197 6.19 1.88 -19.40
CA GLY A 197 5.63 3.20 -19.14
C GLY A 197 4.39 3.22 -18.26
N MET A 198 3.76 2.07 -18.06
CA MET A 198 2.58 2.00 -17.21
C MET A 198 3.01 2.18 -15.76
N THR A 199 2.24 2.93 -15.00
CA THR A 199 2.54 3.14 -13.59
C THR A 199 1.30 2.75 -12.78
N PHE A 200 1.50 1.86 -11.82
CA PHE A 200 0.38 1.41 -11.01
C PHE A 200 0.90 0.94 -9.67
N THR A 201 -0.02 0.53 -8.81
CA THR A 201 0.34 0.04 -7.48
C THR A 201 -0.01 -1.44 -7.32
N ILE A 202 0.65 -2.06 -6.34
CA ILE A 202 0.38 -3.45 -5.98
C ILE A 202 0.26 -3.26 -4.46
N GLU A 203 -0.83 -3.71 -3.88
CA GLU A 203 -1.08 -3.48 -2.46
C GLU A 203 -2.01 -4.53 -1.85
N PRO A 204 -1.55 -5.79 -1.80
CA PRO A 204 -2.39 -6.85 -1.24
C PRO A 204 -2.78 -6.65 0.23
N MET A 205 -4.04 -6.97 0.52
CA MET A 205 -4.57 -6.93 1.89
C MET A 205 -4.73 -8.41 2.20
N VAL A 206 -4.05 -8.85 3.26
CA VAL A 206 -4.07 -10.26 3.64
C VAL A 206 -4.61 -10.48 5.05
N ASN A 207 -5.55 -11.42 5.19
CA ASN A 207 -6.13 -11.72 6.48
C ASN A 207 -5.56 -13.02 7.03
N ALA A 208 -5.41 -13.08 8.35
CA ALA A 208 -4.89 -14.28 8.99
C ALA A 208 -5.99 -15.34 8.95
N GLY A 209 -7.23 -14.87 9.05
CA GLY A 209 -8.38 -15.77 9.03
C GLY A 209 -9.09 -15.77 7.68
N LYS A 210 -10.42 -15.65 7.71
CA LYS A 210 -11.22 -15.65 6.48
C LYS A 210 -11.15 -14.32 5.73
N LYS A 211 -11.45 -14.37 4.43
CA LYS A 211 -11.40 -13.20 3.56
C LYS A 211 -12.52 -12.17 3.76
N GLU A 212 -13.67 -12.63 4.22
CA GLU A 212 -14.82 -11.74 4.41
C GLU A 212 -14.53 -10.54 5.32
N ILE A 213 -15.06 -9.37 4.93
CA ILE A 213 -14.86 -8.15 5.70
C ILE A 213 -16.17 -7.50 6.12
N ARG A 214 -16.07 -6.48 6.97
CA ARG A 214 -17.21 -5.72 7.49
C ARG A 214 -16.86 -4.24 7.57
N THR A 215 -17.78 -3.38 7.16
CA THR A 215 -17.55 -1.95 7.22
C THR A 215 -18.27 -1.42 8.47
N MET A 216 -17.57 -0.61 9.26
CA MET A 216 -18.16 -0.06 10.48
C MET A 216 -19.24 0.98 10.18
N LYS A 217 -19.73 1.63 11.23
CA LYS A 217 -20.78 2.62 11.07
C LYS A 217 -20.29 4.05 10.85
N ASP A 218 -18.98 4.23 10.73
CA ASP A 218 -18.43 5.56 10.48
C ASP A 218 -18.28 5.77 8.98
N GLY A 219 -18.69 4.78 8.22
CA GLY A 219 -18.63 4.87 6.77
C GLY A 219 -17.27 4.68 6.15
N TRP A 220 -16.28 4.26 6.92
CA TRP A 220 -14.93 4.06 6.37
C TRP A 220 -14.18 2.85 6.91
N THR A 221 -14.11 2.74 8.22
CA THR A 221 -13.39 1.63 8.84
C THR A 221 -13.85 0.27 8.37
N VAL A 222 -12.90 -0.54 7.89
CA VAL A 222 -13.18 -1.88 7.42
C VAL A 222 -12.44 -2.87 8.30
N LYS A 223 -13.13 -3.89 8.77
CA LYS A 223 -12.53 -4.92 9.62
C LYS A 223 -12.77 -6.28 9.02
N THR A 224 -12.04 -7.28 9.52
CA THR A 224 -12.23 -8.64 9.06
C THR A 224 -13.52 -9.10 9.73
N LYS A 225 -14.34 -9.86 9.02
CA LYS A 225 -15.60 -10.35 9.56
C LYS A 225 -15.38 -11.18 10.82
N ASP A 226 -14.39 -12.07 10.78
CA ASP A 226 -14.09 -12.92 11.93
C ASP A 226 -13.17 -12.24 12.93
N ARG A 227 -12.81 -10.99 12.63
CA ARG A 227 -11.95 -10.20 13.51
C ARG A 227 -10.53 -10.75 13.65
N SER A 228 -10.04 -11.41 12.61
CA SER A 228 -8.67 -11.95 12.61
C SER A 228 -7.77 -10.79 12.16
N LEU A 229 -6.46 -10.92 12.37
CA LEU A 229 -5.52 -9.88 11.97
C LEU A 229 -5.49 -9.73 10.45
N SER A 230 -5.15 -8.54 9.97
CA SER A 230 -5.07 -8.26 8.54
C SER A 230 -3.86 -7.36 8.30
N ALA A 231 -3.10 -7.59 7.23
CA ALA A 231 -1.93 -6.77 6.96
C ALA A 231 -1.90 -6.35 5.50
N GLN A 232 -1.19 -5.26 5.22
CA GLN A 232 -1.06 -4.75 3.86
C GLN A 232 0.26 -4.01 3.69
N TYR A 233 0.83 -4.08 2.48
CA TYR A 233 2.04 -3.37 2.10
C TYR A 233 1.75 -2.88 0.68
N GLU A 234 2.23 -1.69 0.35
CA GLU A 234 1.97 -1.13 -0.98
C GLU A 234 3.15 -0.36 -1.55
N HIS A 235 3.34 -0.49 -2.86
CA HIS A 235 4.39 0.25 -3.56
C HIS A 235 3.83 0.74 -4.89
N THR A 236 4.32 1.90 -5.34
CA THR A 236 3.93 2.45 -6.63
C THR A 236 5.10 2.11 -7.55
N ILE A 237 4.82 1.63 -8.75
CA ILE A 237 5.90 1.27 -9.68
C ILE A 237 5.65 1.76 -11.10
N VAL A 238 6.70 1.67 -11.90
CA VAL A 238 6.63 2.03 -13.31
C VAL A 238 7.21 0.84 -14.07
N VAL A 239 6.51 0.39 -15.10
CA VAL A 239 7.00 -0.74 -15.87
C VAL A 239 8.09 -0.23 -16.82
N THR A 240 9.24 -0.89 -16.82
CA THR A 240 10.35 -0.50 -17.69
C THR A 240 10.36 -1.41 -18.92
N ASP A 241 11.40 -1.28 -19.75
CA ASP A 241 11.49 -2.09 -20.97
C ASP A 241 11.66 -3.58 -20.67
N ASN A 242 12.31 -3.89 -19.54
CA ASN A 242 12.58 -5.28 -19.16
C ASN A 242 12.19 -5.63 -17.73
N GLY A 243 11.29 -4.86 -17.13
CA GLY A 243 10.90 -5.15 -15.75
C GLY A 243 10.19 -3.97 -15.12
N CYS A 244 10.67 -3.51 -13.98
CA CYS A 244 10.06 -2.37 -13.32
C CYS A 244 11.00 -1.64 -12.37
N GLU A 245 10.58 -0.45 -11.95
CA GLU A 245 11.33 0.37 -11.02
C GLU A 245 10.36 0.77 -9.90
N ILE A 246 10.74 0.49 -8.66
CA ILE A 246 9.91 0.83 -7.52
C ILE A 246 10.12 2.31 -7.19
N LEU A 247 9.06 3.10 -7.33
CA LEU A 247 9.15 4.54 -7.08
C LEU A 247 9.00 4.95 -5.62
N THR A 248 8.51 4.03 -4.78
CA THR A 248 8.32 4.33 -3.37
C THR A 248 9.18 3.49 -2.43
N LEU A 249 10.36 3.09 -2.91
CA LEU A 249 11.26 2.26 -2.09
C LEU A 249 11.74 3.00 -0.83
N ARG A 250 11.88 2.26 0.27
CA ARG A 250 12.34 2.81 1.53
C ARG A 250 13.66 2.16 1.94
N LYS A 251 14.35 2.79 2.89
CA LYS A 251 15.62 2.27 3.37
C LYS A 251 15.46 0.87 3.97
N ASP A 252 14.29 0.60 4.55
CA ASP A 252 14.06 -0.71 5.17
C ASP A 252 13.56 -1.79 4.21
N ASP A 253 13.28 -1.42 2.97
CA ASP A 253 12.85 -2.39 1.99
C ASP A 253 14.00 -3.35 1.72
N THR A 254 13.70 -4.64 1.66
CA THR A 254 14.72 -5.65 1.41
C THR A 254 14.59 -6.16 -0.02
N ILE A 255 14.44 -5.21 -0.94
CA ILE A 255 14.32 -5.50 -2.37
C ILE A 255 14.87 -4.28 -3.11
N PRO A 256 15.59 -4.51 -4.22
CA PRO A 256 16.17 -3.42 -5.02
C PRO A 256 15.16 -2.52 -5.70
N ALA A 257 15.52 -1.25 -5.86
CA ALA A 257 14.65 -0.28 -6.50
C ALA A 257 14.38 -0.67 -7.95
N ILE A 258 15.45 -1.04 -8.65
CA ILE A 258 15.32 -1.43 -10.05
C ILE A 258 15.40 -2.95 -10.18
N ILE A 259 14.35 -3.53 -10.76
CA ILE A 259 14.28 -4.97 -10.96
C ILE A 259 14.37 -5.27 -12.45
N SER A 260 15.55 -5.70 -12.88
CA SER A 260 15.79 -6.01 -14.29
C SER A 260 15.70 -7.50 -14.56
N HIS A 261 15.23 -7.84 -15.77
CA HIS A 261 15.10 -9.23 -16.17
C HIS A 261 15.96 -9.52 -17.39
N ASP A 262 16.81 -8.56 -17.76
CA ASP A 262 17.70 -8.70 -18.91
C ASP A 262 18.57 -9.94 -18.76
MN MN B . -2.30 3.65 -0.43
MN MN C . -3.27 2.47 -3.61
NA NA D . -4.79 -4.66 10.19
OAQ A04 E . -4.05 2.85 -1.37
CAB A04 E . -5.13 3.22 -1.89
OAR A04 E . -5.39 3.15 -3.11
CAA A04 E . -6.23 3.79 -0.98
OAP A04 E . -7.43 4.20 -1.48
CAD A04 E . -6.18 3.98 0.33
CAE A04 E . -7.35 4.52 0.69
CAC A04 E . -8.11 4.67 -0.40
CAG A04 E . -9.39 5.18 -0.55
CAK A04 E . -10.14 4.76 -1.64
CAH A04 E . -11.44 5.24 -1.83
CAF A04 E . -11.97 6.15 -0.94
CAI A04 E . -11.22 6.57 0.16
CAJ A04 E . -9.93 6.09 0.36
OAS A04 E . -9.20 6.52 1.43
CAL A04 E . -8.50 7.76 1.26
FAN A04 E . -7.64 7.71 0.24
FAO A04 E . -9.35 8.77 1.05
FAM A04 E . -7.83 8.00 2.38
#